data_6ES0
#
_entry.id   6ES0
#
_cell.length_a   61.980
_cell.length_b   83.740
_cell.length_c   139.100
_cell.angle_alpha   90.00
_cell.angle_beta   90.00
_cell.angle_gamma   90.00
#
_symmetry.space_group_name_H-M   'P 21 21 21'
#
loop_
_entity.id
_entity.type
_entity.pdbx_description
1 polymer 'Receptor-interacting serine/threonine-protein kinase 2'
2 non-polymer '2-[2-fluoranyl-4-[[2-fluoranyl-4-[2-(methylcarbamoyl)pyridin-4-yl]oxy-phenyl]carbamoylamino]phenyl]sulfanylethanoic acid'
3 water water
#
_entity_poly.entity_id   1
_entity_poly.type   'polypeptide(L)'
_entity_poly.pdbx_seq_one_letter_code
;SMGEAICSALPTIPYHKLADLRYLSRGASGTVSSARHADWRVQVAVKHLHIHTPLLDSERKDVLREAEILHKARFSYILP
ILGICNEPEFLGIVTEYMPNGSLNELLHRKTEYPDVAWPLRFRILHEIALGVNYLHNMTPPLLHHDLKTQNILLDNEFHV
KIADFGLSKWRMMSLSQSRSSKSAPEGGTIIYMPPENYEPGQKSRASIKHDIYSYAVITWEVLSRKQPFEDVTNPLQIMY
SVSQGHRPVINEESLPYDIPHRARMISLIESGWAQNPDERPSFLKCLIELEPVLRTFEEITFLEAVIQLKKTKLQSV
;
_entity_poly.pdbx_strand_id   A,B
#
# COMPACT_ATOMS: atom_id res chain seq x y z
N ALA A 5 24.91 6.08 7.41
CA ALA A 5 23.48 5.81 7.55
C ALA A 5 23.02 4.75 6.57
N ILE A 6 21.75 4.38 6.66
CA ILE A 6 21.17 3.33 5.82
C ILE A 6 20.63 3.98 4.55
N CYS A 7 21.26 3.69 3.42
CA CYS A 7 20.84 4.18 2.12
C CYS A 7 20.44 3.01 1.24
N SER A 8 19.45 3.24 0.37
CA SER A 8 19.00 2.22 -0.56
C SER A 8 18.78 2.86 -1.93
N ALA A 9 19.20 2.15 -2.98
CA ALA A 9 19.15 2.68 -4.34
C ALA A 9 17.82 2.34 -5.01
N LEU A 10 17.34 3.27 -5.81
CA LEU A 10 16.12 3.04 -6.56
C LEU A 10 16.41 2.07 -7.71
N PRO A 11 15.53 1.09 -7.95
CA PRO A 11 15.76 0.13 -9.03
C PRO A 11 15.73 0.78 -10.40
N THR A 12 16.55 0.25 -11.30
CA THR A 12 16.59 0.66 -12.69
C THR A 12 15.89 -0.42 -13.52
N ILE A 13 14.76 -0.06 -14.12
CA ILE A 13 13.91 -1.01 -14.83
C ILE A 13 14.22 -0.94 -16.32
N PRO A 14 14.52 -2.06 -16.98
CA PRO A 14 14.74 -2.03 -18.42
C PRO A 14 13.45 -1.72 -19.17
N TYR A 15 13.59 -1.01 -20.29
CA TYR A 15 12.42 -0.61 -21.06
C TYR A 15 11.67 -1.82 -21.60
N HIS A 16 12.39 -2.87 -22.01
CA HIS A 16 11.76 -4.03 -22.61
C HIS A 16 11.04 -4.91 -21.60
N LYS A 17 11.02 -4.54 -20.32
CA LYS A 17 10.25 -5.25 -19.31
C LYS A 17 8.87 -4.65 -19.10
N LEU A 18 8.53 -3.59 -19.83
CA LEU A 18 7.23 -2.93 -19.71
C LEU A 18 6.37 -3.37 -20.89
N ALA A 19 5.43 -4.28 -20.62
CA ALA A 19 4.59 -4.87 -21.65
C ALA A 19 3.24 -4.17 -21.71
N ASP A 20 2.59 -4.28 -22.88
CA ASP A 20 1.28 -3.69 -23.14
C ASP A 20 1.28 -2.18 -22.84
N LEU A 21 2.24 -1.47 -23.42
CA LEU A 21 2.29 -0.02 -23.24
C LEU A 21 1.13 0.64 -23.97
N ARG A 22 0.39 1.48 -23.25
CA ARG A 22 -0.74 2.22 -23.80
C ARG A 22 -0.73 3.63 -23.24
N TYR A 23 -1.13 4.58 -24.07
CA TYR A 23 -1.33 5.94 -23.60
C TYR A 23 -2.42 5.98 -22.54
N LEU A 24 -2.30 6.94 -21.63
CA LEU A 24 -3.34 7.26 -20.66
C LEU A 24 -3.83 8.68 -20.89
N SER A 25 -5.11 8.91 -20.65
CA SER A 25 -5.71 10.23 -20.84
C SER A 25 -5.68 11.02 -19.53
N ARG A 26 -4.47 11.38 -19.13
CA ARG A 26 -4.26 12.17 -17.94
C ARG A 26 -3.07 13.07 -18.14
N GLY A 27 -2.93 14.07 -17.27
CA GLY A 27 -1.88 15.06 -17.29
C GLY A 27 -1.75 15.72 -18.66
N ALA A 28 -0.52 16.11 -18.98
CA ALA A 28 -0.25 16.60 -20.33
C ALA A 28 -0.37 15.46 -21.33
N SER A 29 -0.97 15.74 -22.48
CA SER A 29 -1.21 14.71 -23.48
C SER A 29 0.11 14.10 -23.95
N GLY A 30 0.22 12.78 -23.83
CA GLY A 30 1.42 12.09 -24.23
C GLY A 30 2.52 12.05 -23.19
N THR A 31 2.19 12.22 -21.90
CA THR A 31 3.19 12.15 -20.84
C THR A 31 2.95 11.03 -19.83
N VAL A 32 1.80 10.36 -19.86
CA VAL A 32 1.48 9.30 -18.91
C VAL A 32 1.05 8.06 -19.68
N SER A 33 1.58 6.90 -19.29
CA SER A 33 1.24 5.64 -19.93
C SER A 33 1.05 4.57 -18.87
N SER A 34 0.38 3.49 -19.26
CA SER A 34 0.23 2.31 -18.42
C SER A 34 0.94 1.13 -19.08
N ALA A 35 1.30 0.13 -18.28
CA ALA A 35 1.98 -1.05 -18.77
C ALA A 35 1.92 -2.15 -17.71
N ARG A 36 2.66 -3.23 -17.96
CA ARG A 36 2.79 -4.34 -17.03
C ARG A 36 4.25 -4.76 -16.97
N HIS A 37 4.73 -5.04 -15.76
CA HIS A 37 6.09 -5.52 -15.58
C HIS A 37 6.13 -7.03 -15.88
N ALA A 38 6.99 -7.42 -16.82
CA ALA A 38 6.97 -8.80 -17.30
C ALA A 38 7.44 -9.78 -16.22
N ASP A 39 8.27 -9.33 -15.28
CA ASP A 39 8.82 -10.17 -14.23
C ASP A 39 8.03 -10.10 -12.93
N TRP A 40 7.66 -8.89 -12.50
CA TRP A 40 6.94 -8.72 -11.23
C TRP A 40 5.45 -9.01 -11.37
N ARG A 41 4.93 -8.97 -12.60
CA ARG A 41 3.54 -9.35 -12.91
C ARG A 41 2.55 -8.42 -12.23
N VAL A 42 2.86 -7.12 -12.22
CA VAL A 42 1.96 -6.11 -11.65
C VAL A 42 1.73 -5.01 -12.68
N GLN A 43 0.55 -4.40 -12.61
CA GLN A 43 0.28 -3.23 -13.43
C GLN A 43 1.04 -2.03 -12.90
N VAL A 44 1.50 -1.17 -13.82
CA VAL A 44 2.30 0.00 -13.47
C VAL A 44 1.84 1.18 -14.30
N ALA A 45 2.24 2.37 -13.86
CA ALA A 45 2.11 3.60 -14.65
C ALA A 45 3.49 4.14 -14.94
N VAL A 46 3.63 4.77 -16.10
CA VAL A 46 4.90 5.33 -16.54
C VAL A 46 4.69 6.80 -16.90
N LYS A 47 5.45 7.68 -16.27
CA LYS A 47 5.42 9.10 -16.56
C LYS A 47 6.68 9.48 -17.32
N HIS A 48 6.52 10.23 -18.41
CA HIS A 48 7.65 10.51 -19.30
C HIS A 48 7.39 11.82 -20.02
N LEU A 49 8.44 12.34 -20.65
CA LEU A 49 8.33 13.52 -21.49
C LEU A 49 7.65 13.15 -22.81
N HIS A 50 7.39 14.17 -23.63
CA HIS A 50 6.95 13.91 -24.99
C HIS A 50 8.00 13.08 -25.72
N ILE A 51 7.54 12.18 -26.60
CA ILE A 51 8.47 11.25 -27.24
C ILE A 51 9.28 11.99 -28.28
N HIS A 52 10.61 11.87 -28.18
CA HIS A 52 11.51 12.49 -29.14
C HIS A 52 12.89 11.87 -28.96
N THR A 53 13.75 12.11 -29.95
CA THR A 53 15.13 11.67 -29.94
C THR A 53 15.97 12.75 -30.61
N PRO A 54 17.17 13.06 -30.08
CA PRO A 54 17.73 12.41 -28.89
C PRO A 54 17.26 13.06 -27.60
N LEU A 55 17.27 12.30 -26.51
CA LEU A 55 16.96 12.83 -25.19
C LEU A 55 18.16 13.61 -24.69
N LEU A 56 17.95 14.89 -24.37
CA LEU A 56 19.03 15.72 -23.87
C LEU A 56 19.47 15.25 -22.49
N ASP A 57 20.74 15.50 -22.16
CA ASP A 57 21.22 15.16 -20.83
C ASP A 57 20.63 16.09 -19.77
N SER A 58 20.36 17.34 -20.13
CA SER A 58 19.65 18.23 -19.21
C SER A 58 18.23 17.71 -18.96
N GLU A 59 17.65 17.00 -19.92
CA GLU A 59 16.32 16.45 -19.74
C GLU A 59 16.33 15.24 -18.81
N ARG A 60 17.38 14.40 -18.90
CA ARG A 60 17.47 13.23 -18.04
C ARG A 60 17.56 13.62 -16.57
N LYS A 61 18.40 14.62 -16.25
CA LYS A 61 18.54 15.04 -14.86
C LYS A 61 17.25 15.64 -14.31
N ASP A 62 16.41 16.21 -15.18
CA ASP A 62 15.12 16.71 -14.73
C ASP A 62 14.21 15.58 -14.28
N VAL A 63 14.29 14.43 -14.95
CA VAL A 63 13.47 13.29 -14.57
C VAL A 63 14.04 12.62 -13.31
N LEU A 64 15.36 12.51 -13.22
CA LEU A 64 15.97 11.91 -12.03
C LEU A 64 15.71 12.75 -10.79
N ARG A 65 15.61 14.07 -10.94
CA ARG A 65 15.34 14.93 -9.79
C ARG A 65 13.95 14.66 -9.22
N GLU A 66 12.93 14.62 -10.09
CA GLU A 66 11.59 14.27 -9.64
C GLU A 66 11.57 12.88 -9.01
N ALA A 67 12.30 11.94 -9.60
CA ALA A 67 12.31 10.58 -9.09
C ALA A 67 12.98 10.50 -7.72
N GLU A 68 14.08 11.23 -7.54
CA GLU A 68 14.77 11.23 -6.25
C GLU A 68 13.89 11.81 -5.15
N ILE A 69 13.10 12.82 -5.48
CA ILE A 69 12.21 13.44 -4.50
C ILE A 69 11.07 12.49 -4.15
N LEU A 70 10.45 11.87 -5.16
CA LEU A 70 9.37 10.92 -4.90
C LEU A 70 9.89 9.69 -4.16
N HIS A 71 11.15 9.34 -4.36
CA HIS A 71 11.76 8.23 -3.62
C HIS A 71 11.98 8.60 -2.16
N LYS A 72 12.44 9.82 -1.90
CA LYS A 72 12.66 10.28 -0.53
C LYS A 72 11.37 10.40 0.26
N ALA A 73 10.25 10.66 -0.42
CA ALA A 73 8.99 10.97 0.25
C ALA A 73 8.07 9.76 0.36
N ARG A 74 8.62 8.54 0.26
CA ARG A 74 7.80 7.34 0.34
C ARG A 74 7.01 7.29 1.65
N PHE A 75 5.70 7.08 1.54
CA PHE A 75 4.82 7.04 2.71
C PHE A 75 3.51 6.38 2.32
N SER A 76 2.71 6.06 3.33
CA SER A 76 1.50 5.26 3.12
C SER A 76 0.50 5.95 2.21
N TYR A 77 0.46 7.29 2.21
CA TYR A 77 -0.51 8.03 1.44
C TYR A 77 0.13 8.87 0.33
N ILE A 78 1.33 8.48 -0.09
CA ILE A 78 2.03 9.10 -1.21
C ILE A 78 2.16 8.06 -2.32
N LEU A 79 2.01 8.50 -3.57
CA LEU A 79 2.12 7.61 -4.72
C LEU A 79 3.45 6.85 -4.68
N PRO A 80 3.44 5.52 -4.59
CA PRO A 80 4.70 4.76 -4.47
C PRO A 80 5.41 4.63 -5.81
N ILE A 81 6.64 5.12 -5.87
CA ILE A 81 7.48 4.92 -7.04
C ILE A 81 8.12 3.54 -6.98
N LEU A 82 8.18 2.86 -8.13
CA LEU A 82 8.73 1.52 -8.21
C LEU A 82 10.13 1.49 -8.82
N GLY A 83 10.49 2.47 -9.64
CA GLY A 83 11.80 2.49 -10.24
C GLY A 83 11.85 3.55 -11.33
N ILE A 84 12.98 3.57 -12.05
CA ILE A 84 13.16 4.49 -13.16
C ILE A 84 13.68 3.72 -14.36
N CYS A 85 13.30 4.20 -15.54
CA CYS A 85 13.79 3.68 -16.81
C CYS A 85 14.68 4.76 -17.42
N ASN A 86 15.97 4.46 -17.54
CA ASN A 86 16.95 5.41 -18.05
C ASN A 86 17.83 4.69 -19.07
N GLU A 87 17.51 4.88 -20.34
CA GLU A 87 18.23 4.24 -21.44
C GLU A 87 18.25 5.21 -22.61
N PRO A 88 19.07 4.95 -23.61
CA PRO A 88 19.05 5.83 -24.80
C PRO A 88 17.71 5.84 -25.52
N GLU A 89 16.94 4.76 -25.43
CA GLU A 89 15.66 4.71 -26.12
C GLU A 89 14.56 5.45 -25.36
N PHE A 90 14.41 5.16 -24.07
CA PHE A 90 13.30 5.70 -23.31
C PHE A 90 13.80 6.22 -21.97
N LEU A 91 12.99 7.10 -21.38
CA LEU A 91 13.32 7.75 -20.11
C LEU A 91 12.02 8.05 -19.40
N GLY A 92 11.76 7.38 -18.28
CA GLY A 92 10.50 7.58 -17.59
C GLY A 92 10.56 7.13 -16.15
N ILE A 93 9.50 7.48 -15.43
CA ILE A 93 9.33 7.12 -14.02
C ILE A 93 8.21 6.10 -13.93
N VAL A 94 8.49 4.97 -13.30
CA VAL A 94 7.52 3.89 -13.12
C VAL A 94 7.01 3.94 -11.70
N THR A 95 5.69 4.00 -11.53
CA THR A 95 5.06 3.96 -10.22
C THR A 95 3.99 2.89 -10.21
N GLU A 96 3.36 2.70 -9.05
CA GLU A 96 2.19 1.85 -8.97
C GLU A 96 1.05 2.45 -9.80
N TYR A 97 0.11 1.59 -10.18
CA TYR A 97 -1.05 2.00 -10.95
C TYR A 97 -2.24 2.14 -10.01
N MET A 98 -2.89 3.30 -10.04
CA MET A 98 -4.08 3.54 -9.25
C MET A 98 -5.31 3.24 -10.11
N PRO A 99 -6.07 2.18 -9.82
CA PRO A 99 -7.13 1.78 -10.76
C PRO A 99 -8.31 2.75 -10.83
N ASN A 100 -8.61 3.46 -9.75
CA ASN A 100 -9.84 4.24 -9.68
C ASN A 100 -9.62 5.72 -9.99
N GLY A 101 -8.56 6.06 -10.71
CA GLY A 101 -8.43 7.40 -11.24
C GLY A 101 -8.19 8.44 -10.16
N SER A 102 -8.79 9.62 -10.35
CA SER A 102 -8.53 10.78 -9.51
C SER A 102 -9.82 11.28 -8.87
N LEU A 103 -9.66 12.01 -7.77
CA LEU A 103 -10.78 12.61 -7.06
C LEU A 103 -11.58 13.56 -7.93
N ASN A 104 -10.95 14.14 -8.96
CA ASN A 104 -11.67 14.97 -9.92
C ASN A 104 -12.83 14.21 -10.55
N GLU A 105 -12.57 12.98 -10.98
CA GLU A 105 -13.60 12.20 -11.66
C GLU A 105 -14.71 11.76 -10.70
N LEU A 106 -14.34 11.38 -9.48
CA LEU A 106 -15.33 10.87 -8.54
C LEU A 106 -16.34 11.94 -8.13
N LEU A 107 -15.92 13.21 -8.10
CA LEU A 107 -16.81 14.25 -7.62
C LEU A 107 -17.81 14.70 -8.69
N HIS A 108 -17.35 14.89 -9.93
CA HIS A 108 -18.14 15.59 -10.94
C HIS A 108 -18.69 14.69 -12.05
N ARG A 109 -18.33 13.41 -12.08
CA ARG A 109 -18.96 12.47 -13.01
C ARG A 109 -20.18 11.82 -12.33
N LYS A 110 -21.19 12.65 -12.14
CA LYS A 110 -22.36 12.27 -11.35
C LYS A 110 -23.23 11.22 -12.01
N THR A 111 -22.92 10.80 -13.24
CA THR A 111 -23.65 9.69 -13.86
C THR A 111 -23.00 8.35 -13.54
N GLU A 112 -21.67 8.28 -13.57
CA GLU A 112 -20.96 7.07 -13.16
C GLU A 112 -21.03 6.87 -11.65
N TYR A 113 -21.05 7.96 -10.89
CA TYR A 113 -21.12 7.92 -9.43
C TYR A 113 -22.28 8.79 -8.99
N PRO A 114 -23.51 8.27 -9.06
CA PRO A 114 -24.66 9.09 -8.65
C PRO A 114 -24.62 9.51 -7.20
N ASP A 115 -24.20 8.61 -6.31
CA ASP A 115 -24.10 8.91 -4.90
C ASP A 115 -22.73 8.51 -4.37
N VAL A 116 -22.16 9.37 -3.53
CA VAL A 116 -20.91 9.11 -2.83
C VAL A 116 -21.20 9.29 -1.34
N ALA A 117 -21.11 8.21 -0.58
CA ALA A 117 -21.48 8.24 0.82
C ALA A 117 -20.57 9.16 1.63
N TRP A 118 -21.13 9.71 2.70
CA TRP A 118 -20.36 10.63 3.55
C TRP A 118 -19.14 9.98 4.22
N PRO A 119 -19.22 8.77 4.78
CA PRO A 119 -18.02 8.19 5.43
C PRO A 119 -16.81 8.13 4.51
N LEU A 120 -17.00 7.73 3.24
CA LEU A 120 -15.88 7.71 2.30
C LEU A 120 -15.32 9.11 2.08
N ARG A 121 -16.19 10.11 1.94
CA ARG A 121 -15.72 11.48 1.73
C ARG A 121 -14.87 11.96 2.88
N PHE A 122 -15.29 11.69 4.12
CA PHE A 122 -14.52 12.13 5.28
C PHE A 122 -13.20 11.39 5.39
N ARG A 123 -13.15 10.12 4.99
CA ARG A 123 -11.89 9.39 5.01
C ARG A 123 -10.93 9.93 3.95
N ILE A 124 -11.46 10.31 2.79
CA ILE A 124 -10.63 10.88 1.74
C ILE A 124 -9.99 12.18 2.21
N LEU A 125 -10.78 13.06 2.82
CA LEU A 125 -10.23 14.30 3.36
C LEU A 125 -9.21 14.02 4.45
N HIS A 126 -9.42 12.98 5.25
CA HIS A 126 -8.47 12.64 6.31
C HIS A 126 -7.14 12.19 5.73
N GLU A 127 -7.19 11.30 4.75
CA GLU A 127 -5.95 10.75 4.18
C GLU A 127 -5.20 11.79 3.35
N ILE A 128 -5.90 12.77 2.77
CA ILE A 128 -5.22 13.86 2.08
C ILE A 128 -4.39 14.67 3.07
N ALA A 129 -4.96 14.95 4.25
CA ALA A 129 -4.21 15.66 5.28
C ALA A 129 -3.02 14.85 5.76
N LEU A 130 -3.16 13.53 5.85
CA LEU A 130 -2.05 12.71 6.32
C LEU A 130 -0.86 12.75 5.36
N GLY A 131 -1.13 12.71 4.05
CA GLY A 131 -0.03 12.71 3.10
C GLY A 131 0.70 14.02 3.04
N VAL A 132 -0.03 15.14 3.06
CA VAL A 132 0.62 16.45 3.02
C VAL A 132 1.34 16.75 4.32
N ASN A 133 0.73 16.39 5.45
CA ASN A 133 1.37 16.61 6.75
C ASN A 133 2.71 15.90 6.82
N TYR A 134 2.81 14.71 6.22
CA TYR A 134 4.08 14.00 6.20
C TYR A 134 5.11 14.74 5.35
N LEU A 135 4.68 15.36 4.26
CA LEU A 135 5.61 16.11 3.40
C LEU A 135 6.15 17.34 4.13
N HIS A 136 5.31 18.00 4.92
CA HIS A 136 5.73 19.19 5.64
C HIS A 136 6.67 18.86 6.80
N ASN A 137 6.60 17.64 7.34
CA ASN A 137 7.41 17.23 8.47
C ASN A 137 8.77 16.67 8.05
N MET A 138 9.12 16.75 6.78
CA MET A 138 10.43 16.31 6.31
C MET A 138 11.46 17.42 6.52
N THR A 139 12.73 17.06 6.36
CA THR A 139 13.85 17.99 6.56
C THR A 139 14.76 17.96 5.35
N PRO A 140 14.73 18.98 4.48
CA PRO A 140 13.87 20.17 4.58
C PRO A 140 12.42 19.85 4.22
N PRO A 141 11.48 20.69 4.66
CA PRO A 141 10.06 20.43 4.39
C PRO A 141 9.77 20.43 2.90
N LEU A 142 8.91 19.50 2.48
CA LEU A 142 8.45 19.41 1.11
C LEU A 142 7.11 20.13 0.97
N LEU A 143 7.03 21.01 -0.02
CA LEU A 143 5.82 21.78 -0.30
C LEU A 143 5.30 21.40 -1.66
N HIS A 144 4.01 21.05 -1.74
CA HIS A 144 3.41 20.61 -2.99
C HIS A 144 3.18 21.78 -3.93
N HIS A 145 2.40 22.78 -3.49
CA HIS A 145 2.09 23.99 -4.25
C HIS A 145 1.32 23.70 -5.54
N ASP A 146 0.67 22.53 -5.62
CA ASP A 146 -0.17 22.20 -6.77
C ASP A 146 -1.32 21.29 -6.38
N LEU A 147 -1.83 21.42 -5.16
CA LEU A 147 -2.88 20.53 -4.68
C LEU A 147 -4.19 20.83 -5.41
N LYS A 148 -4.67 19.85 -6.17
CA LYS A 148 -5.95 19.93 -6.85
C LYS A 148 -6.55 18.54 -6.92
N THR A 149 -7.82 18.47 -7.30
CA THR A 149 -8.49 17.17 -7.34
C THR A 149 -7.87 16.26 -8.39
N GLN A 150 -7.25 16.82 -9.44
CA GLN A 150 -6.61 15.99 -10.45
C GLN A 150 -5.35 15.31 -9.92
N ASN A 151 -4.77 15.80 -8.83
CA ASN A 151 -3.55 15.23 -8.26
C ASN A 151 -3.82 14.28 -7.11
N ILE A 152 -5.09 14.05 -6.76
CA ILE A 152 -5.46 13.13 -5.69
C ILE A 152 -5.90 11.83 -6.35
N LEU A 153 -5.08 10.79 -6.24
CA LEU A 153 -5.37 9.51 -6.86
C LEU A 153 -6.01 8.56 -5.86
N LEU A 154 -6.69 7.55 -6.39
CA LEU A 154 -7.43 6.59 -5.58
C LEU A 154 -7.04 5.17 -5.99
N ASP A 155 -6.83 4.31 -5.01
CA ASP A 155 -6.30 2.97 -5.26
C ASP A 155 -7.45 1.97 -5.37
N ASN A 156 -7.15 0.67 -5.18
CA ASN A 156 -8.14 -0.38 -5.40
C ASN A 156 -9.32 -0.28 -4.43
N GLU A 157 -9.09 0.24 -3.23
CA GLU A 157 -10.16 0.40 -2.24
C GLU A 157 -10.40 1.87 -1.92
N PHE A 158 -10.11 2.75 -2.88
CA PHE A 158 -10.39 4.20 -2.75
C PHE A 158 -9.66 4.82 -1.57
N HIS A 159 -8.40 4.45 -1.40
CA HIS A 159 -7.52 5.13 -0.46
C HIS A 159 -6.70 6.17 -1.21
N VAL A 160 -6.35 7.26 -0.52
CA VAL A 160 -5.76 8.42 -1.17
C VAL A 160 -4.28 8.19 -1.41
N LYS A 161 -3.83 8.50 -2.63
CA LYS A 161 -2.41 8.61 -2.97
C LYS A 161 -2.19 9.98 -3.60
N ILE A 162 -1.31 10.78 -2.99
CA ILE A 162 -1.04 12.12 -3.48
C ILE A 162 0.02 12.05 -4.57
N ALA A 163 -0.24 12.70 -5.70
CA ALA A 163 0.65 12.64 -6.86
C ALA A 163 0.78 14.03 -7.46
N ASP A 164 1.53 14.11 -8.56
CA ASP A 164 1.76 15.38 -9.24
C ASP A 164 1.98 15.08 -10.73
N PHE A 165 1.04 15.49 -11.57
CA PHE A 165 1.16 15.24 -13.01
C PHE A 165 1.99 16.29 -13.72
N GLY A 166 2.36 17.38 -13.05
CA GLY A 166 3.12 18.42 -13.70
C GLY A 166 4.54 18.00 -14.03
N LEU A 167 5.12 18.69 -15.01
CA LEU A 167 6.49 18.47 -15.44
C LEU A 167 7.38 19.69 -15.28
N SER A 168 6.82 20.89 -15.29
CA SER A 168 7.62 22.12 -15.21
C SER A 168 8.19 22.37 -13.82
N LYS A 169 7.61 21.73 -12.80
CA LYS A 169 8.10 21.93 -11.43
C LYS A 169 9.56 21.50 -11.29
N TRP A 170 10.03 20.61 -12.15
CA TRP A 170 11.39 20.09 -12.05
C TRP A 170 12.15 20.32 -13.34
N GLY A 188 -9.36 28.68 -13.99
CA GLY A 188 -9.52 27.24 -13.84
C GLY A 188 -8.49 26.65 -12.90
N THR A 189 -7.24 26.64 -13.33
CA THR A 189 -6.14 26.15 -12.51
C THR A 189 -5.64 27.18 -11.50
N ILE A 190 -6.36 28.29 -11.32
CA ILE A 190 -6.02 29.31 -10.33
C ILE A 190 -6.93 29.28 -9.13
N ILE A 191 -7.93 28.40 -9.10
CA ILE A 191 -8.89 28.39 -8.01
C ILE A 191 -8.33 27.80 -6.73
N TYR A 192 -7.18 27.13 -6.78
CA TYR A 192 -6.55 26.56 -5.60
C TYR A 192 -5.37 27.38 -5.11
N MET A 193 -5.25 28.62 -5.57
CA MET A 193 -4.09 29.46 -5.27
C MET A 193 -4.49 30.57 -4.31
N PRO A 194 -3.73 30.77 -3.23
CA PRO A 194 -4.07 31.81 -2.26
C PRO A 194 -3.87 33.20 -2.82
N PRO A 195 -4.58 34.21 -2.29
CA PRO A 195 -4.51 35.54 -2.91
C PRO A 195 -3.13 36.17 -2.88
N GLU A 196 -2.31 35.89 -1.87
CA GLU A 196 -1.01 36.51 -1.77
C GLU A 196 -0.06 36.13 -2.90
N ASN A 197 -0.48 35.27 -3.83
CA ASN A 197 0.38 34.82 -4.91
C ASN A 197 0.25 35.65 -6.18
N TYR A 198 -0.70 36.58 -6.23
CA TYR A 198 -0.72 37.57 -7.30
C TYR A 198 -0.89 38.98 -6.74
N ALA A 206 10.02 27.76 1.33
CA ALA A 206 9.48 29.12 1.30
C ALA A 206 7.98 29.10 1.03
N SER A 207 7.24 29.92 1.78
CA SER A 207 5.78 30.01 1.70
C SER A 207 5.14 28.66 2.03
N ILE A 208 4.98 28.37 3.32
CA ILE A 208 4.41 27.08 3.75
C ILE A 208 2.91 27.12 3.91
N LYS A 209 2.29 28.30 3.87
CA LYS A 209 0.84 28.44 4.03
C LYS A 209 0.09 28.31 2.70
N HIS A 210 0.74 27.78 1.67
CA HIS A 210 0.10 27.64 0.36
C HIS A 210 -0.78 26.41 0.29
N ASP A 211 -0.27 25.26 0.77
CA ASP A 211 -0.98 24.00 0.59
C ASP A 211 -2.28 23.96 1.39
N ILE A 212 -2.29 24.54 2.59
CA ILE A 212 -3.49 24.50 3.41
C ILE A 212 -4.61 25.31 2.77
N TYR A 213 -4.27 26.33 1.98
CA TYR A 213 -5.29 27.08 1.26
C TYR A 213 -5.92 26.21 0.18
N SER A 214 -5.10 25.48 -0.58
CA SER A 214 -5.63 24.55 -1.57
C SER A 214 -6.50 23.49 -0.93
N TYR A 215 -6.14 23.05 0.28
CA TYR A 215 -6.90 22.01 0.95
C TYR A 215 -8.27 22.51 1.41
N ALA A 216 -8.38 23.79 1.76
CA ALA A 216 -9.67 24.34 2.14
C ALA A 216 -10.63 24.34 0.97
N VAL A 217 -10.14 24.65 -0.23
CA VAL A 217 -11.00 24.65 -1.41
C VAL A 217 -11.38 23.22 -1.79
N ILE A 218 -10.45 22.27 -1.65
CA ILE A 218 -10.76 20.88 -1.93
C ILE A 218 -11.81 20.35 -0.95
N THR A 219 -11.73 20.75 0.31
CA THR A 219 -12.73 20.34 1.29
C THR A 219 -14.11 20.84 0.89
N TRP A 220 -14.21 22.12 0.52
CA TRP A 220 -15.48 22.66 0.06
C TRP A 220 -15.96 21.95 -1.20
N GLU A 221 -15.03 21.61 -2.10
CA GLU A 221 -15.41 20.93 -3.33
C GLU A 221 -15.93 19.52 -3.05
N VAL A 222 -15.32 18.83 -2.08
CA VAL A 222 -15.75 17.47 -1.76
C VAL A 222 -17.14 17.48 -1.14
N LEU A 223 -17.36 18.35 -0.16
CA LEU A 223 -18.62 18.36 0.57
C LEU A 223 -19.77 18.93 -0.24
N SER A 224 -19.49 19.57 -1.37
CA SER A 224 -20.53 20.19 -2.20
C SER A 224 -20.73 19.53 -3.55
N ARG A 225 -19.69 18.88 -4.09
CA ARG A 225 -19.69 18.34 -5.46
C ARG A 225 -20.04 19.40 -6.49
N LYS A 226 -19.66 20.64 -6.22
CA LYS A 226 -19.89 21.75 -7.14
C LYS A 226 -18.56 22.34 -7.57
N GLN A 227 -18.57 23.02 -8.70
CA GLN A 227 -17.34 23.65 -9.21
C GLN A 227 -17.13 24.99 -8.50
N PRO A 228 -15.97 25.22 -7.92
CA PRO A 228 -15.71 26.53 -7.27
C PRO A 228 -15.74 27.66 -8.29
N PHE A 229 -16.51 28.70 -7.96
CA PHE A 229 -16.76 29.82 -8.88
C PHE A 229 -17.36 29.31 -10.19
N GLU A 230 -18.52 28.67 -10.08
CA GLU A 230 -19.15 28.06 -11.24
C GLU A 230 -19.65 29.13 -12.22
N ASP A 231 -20.30 30.17 -11.72
CA ASP A 231 -20.95 31.17 -12.56
C ASP A 231 -20.01 32.30 -12.98
N VAL A 232 -18.71 32.21 -12.68
CA VAL A 232 -17.73 33.22 -13.05
C VAL A 232 -16.92 32.70 -14.22
N THR A 233 -17.02 33.36 -15.37
CA THR A 233 -16.39 32.88 -16.60
C THR A 233 -14.96 33.38 -16.76
N ASN A 234 -14.71 34.66 -16.47
CA ASN A 234 -13.38 35.25 -16.65
C ASN A 234 -12.53 34.99 -15.42
N PRO A 235 -11.35 34.37 -15.55
CA PRO A 235 -10.52 34.11 -14.37
C PRO A 235 -10.00 35.38 -13.70
N LEU A 236 -9.90 36.50 -14.42
CA LEU A 236 -9.47 37.75 -13.79
C LEU A 236 -10.48 38.21 -12.76
N GLN A 237 -11.76 37.93 -12.98
CA GLN A 237 -12.77 38.26 -11.97
C GLN A 237 -12.57 37.40 -10.72
N ILE A 238 -12.15 36.15 -10.89
CA ILE A 238 -11.88 35.29 -9.75
C ILE A 238 -10.68 35.81 -8.96
N MET A 239 -9.57 36.05 -9.66
CA MET A 239 -8.35 36.50 -8.99
C MET A 239 -8.58 37.83 -8.25
N TYR A 240 -9.34 38.75 -8.87
CA TYR A 240 -9.63 40.01 -8.18
C TYR A 240 -10.53 39.80 -6.98
N SER A 241 -11.51 38.90 -7.09
CA SER A 241 -12.46 38.71 -6.00
C SER A 241 -11.79 38.07 -4.78
N VAL A 242 -10.96 37.04 -5.00
CA VAL A 242 -10.30 36.41 -3.86
C VAL A 242 -9.27 37.36 -3.24
N SER A 243 -8.73 38.27 -4.04
CA SER A 243 -7.81 39.27 -3.48
C SER A 243 -8.53 40.24 -2.56
N GLN A 244 -9.83 40.42 -2.73
CA GLN A 244 -10.64 41.25 -1.86
C GLN A 244 -11.32 40.45 -0.76
N GLY A 245 -11.07 39.15 -0.67
CA GLY A 245 -11.60 38.32 0.39
C GLY A 245 -12.76 37.43 0.01
N HIS A 246 -13.16 37.41 -1.25
CA HIS A 246 -14.27 36.57 -1.68
C HIS A 246 -13.82 35.12 -1.83
N ARG A 247 -14.66 34.20 -1.40
CA ARG A 247 -14.40 32.77 -1.41
C ARG A 247 -15.62 32.07 -2.00
N PRO A 248 -15.49 30.79 -2.37
CA PRO A 248 -16.67 30.04 -2.80
C PRO A 248 -17.83 30.17 -1.82
N VAL A 249 -19.04 30.18 -2.36
CA VAL A 249 -20.22 30.48 -1.56
C VAL A 249 -20.53 29.33 -0.62
N ILE A 250 -20.86 29.66 0.63
CA ILE A 250 -21.26 28.68 1.64
C ILE A 250 -22.67 29.04 2.09
N ASN A 251 -23.67 28.38 1.50
CA ASN A 251 -25.05 28.55 1.92
C ASN A 251 -25.73 27.19 1.87
N GLU A 252 -27.05 27.19 2.10
CA GLU A 252 -27.81 25.95 2.14
C GLU A 252 -27.78 25.21 0.81
N GLU A 253 -27.72 25.94 -0.31
CA GLU A 253 -27.73 25.28 -1.62
C GLU A 253 -26.38 24.65 -1.94
N SER A 254 -25.28 25.28 -1.55
CA SER A 254 -23.96 24.72 -1.80
C SER A 254 -23.64 23.60 -0.83
N LEU A 255 -23.88 23.84 0.46
CA LEU A 255 -23.64 22.85 1.52
C LEU A 255 -24.94 22.60 2.26
N PRO A 256 -25.68 21.55 1.90
CA PRO A 256 -26.96 21.30 2.55
C PRO A 256 -26.82 21.06 4.05
N TYR A 257 -27.93 21.22 4.77
CA TYR A 257 -27.90 21.14 6.22
C TYR A 257 -27.66 19.73 6.73
N ASP A 258 -27.90 18.70 5.90
CA ASP A 258 -27.77 17.32 6.33
C ASP A 258 -26.36 16.76 6.19
N ILE A 259 -25.35 17.64 6.15
CA ILE A 259 -23.96 17.18 6.12
C ILE A 259 -23.51 16.88 7.56
N PRO A 260 -22.96 15.71 7.83
CA PRO A 260 -22.50 15.42 9.19
C PRO A 260 -21.39 16.37 9.62
N HIS A 261 -21.50 16.85 10.86
CA HIS A 261 -20.52 17.77 11.45
C HIS A 261 -20.39 19.04 10.60
N ARG A 262 -21.52 19.54 10.10
CA ARG A 262 -21.50 20.65 9.15
C ARG A 262 -20.86 21.89 9.74
N ALA A 263 -21.17 22.20 11.00
CA ALA A 263 -20.64 23.41 11.62
C ALA A 263 -19.13 23.32 11.80
N ARG A 264 -18.62 22.16 12.23
CA ARG A 264 -17.19 22.03 12.48
C ARG A 264 -16.38 22.02 11.18
N MET A 265 -16.93 21.43 10.11
CA MET A 265 -16.21 21.42 8.84
C MET A 265 -16.13 22.82 8.23
N ILE A 266 -17.18 23.62 8.38
CA ILE A 266 -17.17 24.98 7.86
C ILE A 266 -16.12 25.82 8.57
N SER A 267 -15.96 25.61 9.88
CA SER A 267 -14.92 26.32 10.62
C SER A 267 -13.52 25.95 10.11
N LEU A 268 -13.34 24.69 9.69
CA LEU A 268 -12.05 24.28 9.15
C LEU A 268 -11.79 24.93 7.79
N ILE A 269 -12.80 24.96 6.93
CA ILE A 269 -12.64 25.57 5.61
C ILE A 269 -12.31 27.05 5.74
N GLU A 270 -13.11 27.78 6.52
CA GLU A 270 -12.93 29.22 6.61
C GLU A 270 -11.60 29.58 7.24
N SER A 271 -11.16 28.84 8.26
CA SER A 271 -9.83 29.07 8.81
C SER A 271 -8.75 28.58 7.85
N GLY A 272 -9.06 27.64 6.97
CA GLY A 272 -8.07 27.14 6.04
C GLY A 272 -7.76 28.08 4.89
N TRP A 273 -8.76 28.83 4.42
CA TRP A 273 -8.59 29.78 3.32
C TRP A 273 -8.62 31.22 3.82
N ALA A 274 -8.09 31.46 5.02
CA ALA A 274 -8.11 32.81 5.58
C ALA A 274 -7.25 33.76 4.76
N GLN A 275 -7.68 35.03 4.71
CA GLN A 275 -6.95 36.03 3.95
C GLN A 275 -5.52 36.18 4.46
N ASN A 276 -5.37 36.33 5.78
CA ASN A 276 -4.04 36.41 6.38
C ASN A 276 -3.44 35.01 6.46
N PRO A 277 -2.27 34.78 5.85
CA PRO A 277 -1.66 33.44 5.92
C PRO A 277 -1.26 33.02 7.32
N ASP A 278 -1.05 33.97 8.23
CA ASP A 278 -0.66 33.63 9.60
C ASP A 278 -1.81 33.01 10.39
N GLU A 279 -3.05 33.23 9.97
CA GLU A 279 -4.21 32.69 10.67
C GLU A 279 -4.67 31.34 10.12
N ARG A 280 -3.92 30.76 9.19
CA ARG A 280 -4.26 29.45 8.67
C ARG A 280 -3.61 28.35 9.50
N PRO A 281 -4.33 27.31 9.87
CA PRO A 281 -3.75 26.26 10.71
C PRO A 281 -2.82 25.36 9.93
N SER A 282 -1.87 24.76 10.66
CA SER A 282 -1.02 23.74 10.07
C SER A 282 -1.82 22.48 9.81
N PHE A 283 -1.30 21.62 8.93
CA PHE A 283 -1.96 20.36 8.67
C PHE A 283 -2.00 19.46 9.90
N LEU A 284 -1.07 19.65 10.84
CA LEU A 284 -1.11 18.92 12.09
C LEU A 284 -2.34 19.29 12.92
N LYS A 285 -2.64 20.59 13.01
CA LYS A 285 -3.81 21.02 13.78
C LYS A 285 -5.10 20.50 13.17
N CYS A 286 -5.17 20.44 11.84
CA CYS A 286 -6.35 19.87 11.18
C CYS A 286 -6.50 18.39 11.51
N LEU A 287 -5.39 17.65 11.49
CA LEU A 287 -5.46 16.21 11.80
C LEU A 287 -5.93 15.97 13.22
N ILE A 288 -5.48 16.81 14.17
CA ILE A 288 -5.92 16.63 15.55
C ILE A 288 -7.42 16.85 15.68
N GLU A 289 -7.99 17.77 14.90
CA GLU A 289 -9.43 17.98 14.97
C GLU A 289 -10.21 16.98 14.12
N LEU A 290 -9.58 16.45 13.07
CA LEU A 290 -10.27 15.47 12.22
C LEU A 290 -10.40 14.11 12.90
N GLU A 291 -9.47 13.77 13.79
CA GLU A 291 -9.47 12.44 14.41
C GLU A 291 -10.78 12.12 15.13
N PRO A 292 -11.33 12.98 15.99
CA PRO A 292 -12.61 12.63 16.63
C PRO A 292 -13.79 12.64 15.68
N VAL A 293 -13.73 13.42 14.59
CA VAL A 293 -14.82 13.41 13.62
C VAL A 293 -14.91 12.07 12.91
N LEU A 294 -13.78 11.60 12.36
CA LEU A 294 -13.76 10.33 11.66
C LEU A 294 -14.14 9.17 12.57
N ARG A 295 -13.88 9.30 13.87
CA ARG A 295 -14.14 8.22 14.81
C ARG A 295 -15.62 7.94 15.00
N THR A 296 -16.49 8.91 14.70
CA THR A 296 -17.94 8.72 14.86
C THR A 296 -18.54 7.85 13.76
N PHE A 297 -17.78 7.50 12.74
CA PHE A 297 -18.26 6.63 11.68
C PHE A 297 -17.91 5.18 12.00
N GLU A 298 -18.87 4.29 11.83
CA GLU A 298 -18.61 2.87 12.04
C GLU A 298 -17.65 2.35 10.97
N GLU A 299 -16.83 1.37 11.35
CA GLU A 299 -15.77 0.91 10.46
C GLU A 299 -16.33 0.20 9.23
N ILE A 300 -17.46 -0.50 9.37
CA ILE A 300 -17.99 -1.26 8.25
C ILE A 300 -18.59 -0.33 7.20
N THR A 301 -19.10 0.83 7.62
CA THR A 301 -19.73 1.76 6.68
C THR A 301 -18.77 2.22 5.59
N PHE A 302 -17.46 2.15 5.82
CA PHE A 302 -16.52 2.51 4.78
C PHE A 302 -16.52 1.48 3.66
N LEU A 303 -16.52 0.20 4.00
CA LEU A 303 -16.55 -0.83 2.98
C LEU A 303 -17.86 -0.82 2.21
N GLU A 304 -18.97 -0.59 2.91
CA GLU A 304 -20.27 -0.58 2.24
C GLU A 304 -20.40 0.62 1.31
N ALA A 305 -19.69 1.72 1.60
CA ALA A 305 -19.69 2.86 0.71
C ALA A 305 -18.92 2.55 -0.57
N VAL A 306 -17.80 1.84 -0.46
CA VAL A 306 -17.00 1.52 -1.64
C VAL A 306 -17.67 0.47 -2.49
N ILE A 307 -18.35 -0.50 -1.85
CA ILE A 307 -19.03 -1.54 -2.61
C ILE A 307 -20.22 -0.98 -3.37
N GLN A 308 -20.74 0.18 -2.93
CA GLN A 308 -21.88 0.79 -3.61
C GLN A 308 -21.47 1.46 -4.90
N LEU A 309 -20.44 2.30 -4.87
CA LEU A 309 -20.02 2.98 -6.10
C LEU A 309 -19.59 1.98 -7.16
N LYS A 310 -18.88 0.93 -6.75
CA LYS A 310 -18.47 -0.09 -7.72
C LYS A 310 -19.67 -0.86 -8.26
N LYS A 311 -20.76 -0.94 -7.48
CA LYS A 311 -21.98 -1.58 -7.99
C LYS A 311 -22.73 -0.68 -8.96
N THR A 312 -22.86 0.62 -8.65
CA THR A 312 -23.49 1.54 -9.58
C THR A 312 -22.69 1.65 -10.87
N LYS A 313 -21.37 1.50 -10.78
CA LYS A 313 -20.54 1.55 -11.99
C LYS A 313 -20.66 0.28 -12.83
N LEU A 314 -21.23 -0.79 -12.28
CA LEU A 314 -21.37 -2.03 -13.04
C LEU A 314 -22.37 -1.88 -14.19
N GLN A 315 -23.49 -1.22 -13.94
CA GLN A 315 -24.57 -1.10 -14.92
C GLN A 315 -24.29 -0.03 -15.98
N SER A 316 -23.13 0.60 -15.96
CA SER A 316 -22.83 1.68 -16.90
C SER A 316 -21.73 1.28 -17.88
N ALA B 5 24.11 7.70 -9.00
CA ALA B 5 22.98 6.93 -8.49
C ALA B 5 22.26 7.71 -7.37
N ILE B 6 21.01 7.33 -7.10
CA ILE B 6 20.19 8.05 -6.16
C ILE B 6 19.87 7.17 -4.95
N CYS B 7 20.37 7.54 -3.78
CA CYS B 7 20.08 6.82 -2.55
C CYS B 7 19.14 7.64 -1.68
N SER B 8 18.30 6.92 -0.92
CA SER B 8 17.37 7.53 0.02
C SER B 8 17.67 7.03 1.42
N ALA B 9 17.72 7.96 2.37
CA ALA B 9 18.06 7.65 3.75
C ALA B 9 16.81 7.27 4.54
N LEU B 10 16.95 6.24 5.37
CA LEU B 10 15.86 5.79 6.23
C LEU B 10 15.70 6.75 7.40
N PRO B 11 14.48 7.17 7.72
CA PRO B 11 14.27 8.09 8.84
C PRO B 11 14.69 7.50 10.17
N THR B 12 14.94 8.40 11.13
CA THR B 12 15.31 8.04 12.50
C THR B 12 14.29 8.66 13.44
N ILE B 13 13.44 7.82 14.01
CA ILE B 13 12.29 8.28 14.79
C ILE B 13 12.72 8.36 16.25
N PRO B 14 12.60 9.53 16.90
CA PRO B 14 12.96 9.62 18.32
C PRO B 14 12.00 8.82 19.18
N TYR B 15 12.56 8.23 20.24
CA TYR B 15 11.77 7.36 21.11
C TYR B 15 10.59 8.11 21.73
N HIS B 16 10.77 9.38 22.06
CA HIS B 16 9.70 10.14 22.67
C HIS B 16 8.60 10.53 21.68
N LYS B 17 8.74 10.18 20.40
CA LYS B 17 7.68 10.39 19.44
C LYS B 17 6.75 9.19 19.31
N LEU B 18 7.08 8.06 19.94
CA LEU B 18 6.26 6.85 19.90
C LEU B 18 5.32 6.87 21.09
N ALA B 19 4.08 7.28 20.87
CA ALA B 19 3.11 7.42 21.93
C ALA B 19 2.29 6.14 22.08
N ASP B 20 1.80 5.91 23.31
CA ASP B 20 0.92 4.79 23.63
C ASP B 20 1.54 3.45 23.24
N LEU B 21 2.70 3.16 23.84
CA LEU B 21 3.34 1.87 23.65
C LEU B 21 2.59 0.79 24.42
N ARG B 22 2.35 -0.35 23.77
CA ARG B 22 1.67 -1.46 24.39
C ARG B 22 2.17 -2.75 23.78
N TYR B 23 2.48 -3.73 24.62
CA TYR B 23 3.03 -4.98 24.14
C TYR B 23 2.03 -5.72 23.25
N LEU B 24 2.55 -6.40 22.23
CA LEU B 24 1.77 -7.30 21.41
C LEU B 24 2.28 -8.74 21.52
N SER B 25 3.59 -8.95 21.43
CA SER B 25 4.21 -10.27 21.42
C SER B 25 3.54 -11.17 20.37
N ARG B 26 3.60 -10.71 19.13
CA ARG B 26 3.02 -11.50 18.04
C ARG B 26 3.84 -12.74 17.75
N GLY B 27 5.14 -12.70 18.04
CA GLY B 27 6.00 -13.83 17.79
C GLY B 27 6.76 -14.30 19.03
N ALA B 28 8.03 -13.90 19.13
CA ALA B 28 8.93 -14.42 20.15
C ALA B 28 8.72 -13.79 21.53
N SER B 29 7.95 -12.70 21.63
CA SER B 29 7.93 -11.87 22.84
C SER B 29 9.35 -11.45 23.21
N GLY B 30 10.09 -10.98 22.21
CA GLY B 30 11.43 -10.49 22.45
C GLY B 30 11.86 -9.19 21.78
N THR B 31 11.02 -8.16 21.64
CA THR B 31 9.57 -8.14 21.87
C THR B 31 8.93 -7.32 20.74
N VAL B 32 7.61 -7.27 20.69
CA VAL B 32 6.89 -6.54 19.65
C VAL B 32 5.81 -5.70 20.31
N SER B 33 5.72 -4.43 19.92
CA SER B 33 4.79 -3.50 20.53
C SER B 33 4.09 -2.67 19.45
N SER B 34 2.99 -2.04 19.84
CA SER B 34 2.26 -1.12 18.99
C SER B 34 2.27 0.27 19.59
N ALA B 35 2.19 1.28 18.72
CA ALA B 35 2.22 2.68 19.15
C ALA B 35 1.64 3.54 18.03
N ARG B 36 1.61 4.85 18.28
CA ARG B 36 1.17 5.83 17.30
C ARG B 36 2.19 6.98 17.26
N HIS B 37 2.39 7.52 16.06
CA HIS B 37 3.35 8.60 15.89
C HIS B 37 2.73 9.93 16.31
N ALA B 38 3.53 10.76 16.97
CA ALA B 38 3.01 12.00 17.52
C ALA B 38 2.85 13.07 16.44
N ASP B 39 3.76 13.09 15.46
CA ASP B 39 3.69 14.07 14.39
C ASP B 39 2.93 13.53 13.17
N TRP B 40 3.24 12.31 12.75
CA TRP B 40 2.65 11.75 11.54
C TRP B 40 1.21 11.29 11.74
N ARG B 41 0.82 10.99 12.99
CA ARG B 41 -0.57 10.65 13.33
C ARG B 41 -1.01 9.33 12.68
N VAL B 42 -0.10 8.36 12.61
CA VAL B 42 -0.41 7.04 12.07
C VAL B 42 -0.04 5.99 13.10
N GLN B 43 -0.77 4.87 13.07
CA GLN B 43 -0.43 3.72 13.90
C GLN B 43 0.82 3.05 13.36
N VAL B 44 1.66 2.55 14.27
CA VAL B 44 2.92 1.91 13.91
C VAL B 44 3.10 0.66 14.77
N ALA B 45 4.05 -0.18 14.33
CA ALA B 45 4.47 -1.36 15.08
C ALA B 45 5.97 -1.28 15.31
N VAL B 46 6.39 -1.55 16.54
CA VAL B 46 7.79 -1.43 16.93
C VAL B 46 8.29 -2.80 17.36
N LYS B 47 9.34 -3.28 16.70
CA LYS B 47 9.99 -4.55 17.02
C LYS B 47 11.40 -4.25 17.50
N HIS B 48 11.71 -4.65 18.72
CA HIS B 48 12.92 -4.19 19.40
C HIS B 48 13.61 -5.33 20.12
N LEU B 49 14.93 -5.22 20.19
CA LEU B 49 15.74 -6.19 20.93
C LEU B 49 16.46 -5.49 22.07
N SER B 58 30.04 -5.56 22.20
CA SER B 58 29.20 -5.93 21.07
C SER B 58 28.78 -4.69 20.27
N GLU B 59 28.36 -4.91 19.03
CA GLU B 59 27.96 -3.85 18.13
C GLU B 59 26.45 -3.92 17.88
N ARG B 60 25.90 -2.80 17.41
CA ARG B 60 24.48 -2.71 17.09
C ARG B 60 24.22 -2.86 15.59
N LYS B 61 25.11 -3.52 14.87
CA LYS B 61 24.97 -3.71 13.43
C LYS B 61 24.10 -4.90 13.07
N ASP B 62 23.44 -5.51 14.05
CA ASP B 62 22.57 -6.64 13.78
C ASP B 62 21.12 -6.20 13.63
N VAL B 63 20.65 -5.38 14.57
CA VAL B 63 19.32 -4.79 14.42
C VAL B 63 19.30 -3.84 13.22
N LEU B 64 20.38 -3.11 13.00
CA LEU B 64 20.44 -2.18 11.88
C LEU B 64 20.68 -2.88 10.54
N ARG B 65 21.14 -4.13 10.55
CA ARG B 65 21.21 -4.86 9.28
C ARG B 65 19.82 -5.24 8.78
N GLU B 66 18.93 -5.63 9.70
CA GLU B 66 17.57 -5.94 9.29
C GLU B 66 16.89 -4.73 8.67
N ALA B 67 17.19 -3.53 9.18
CA ALA B 67 16.57 -2.32 8.66
C ALA B 67 17.00 -2.04 7.22
N GLU B 68 18.27 -2.30 6.89
CA GLU B 68 18.72 -2.10 5.51
C GLU B 68 17.97 -3.02 4.55
N ILE B 69 17.81 -4.28 4.93
CA ILE B 69 17.17 -5.26 4.04
C ILE B 69 15.70 -4.88 3.80
N LEU B 70 14.96 -4.63 4.88
CA LEU B 70 13.55 -4.29 4.74
C LEU B 70 13.38 -2.97 3.98
N HIS B 71 14.34 -2.05 4.14
CA HIS B 71 14.32 -0.81 3.38
C HIS B 71 14.66 -1.03 1.91
N LYS B 72 15.54 -1.99 1.63
CA LYS B 72 15.92 -2.29 0.25
C LYS B 72 14.91 -3.18 -0.47
N ALA B 73 13.98 -3.79 0.25
CA ALA B 73 13.01 -4.72 -0.33
C ALA B 73 11.60 -4.16 -0.30
N ARG B 74 11.46 -2.83 -0.28
CA ARG B 74 10.15 -2.21 -0.29
C ARG B 74 9.39 -2.57 -1.56
N PHE B 75 8.13 -2.97 -1.39
CA PHE B 75 7.28 -3.40 -2.49
C PHE B 75 5.84 -3.45 -2.00
N SER B 76 4.91 -3.52 -2.95
CA SER B 76 3.49 -3.43 -2.61
C SER B 76 3.02 -4.53 -1.68
N TYR B 77 3.75 -5.65 -1.62
CA TYR B 77 3.34 -6.80 -0.81
C TYR B 77 4.37 -7.17 0.24
N ILE B 78 5.30 -6.26 0.53
CA ILE B 78 6.28 -6.41 1.61
C ILE B 78 5.93 -5.41 2.71
N LEU B 79 6.04 -5.85 3.96
CA LEU B 79 5.78 -5.00 5.11
C LEU B 79 6.57 -3.69 5.00
N PRO B 80 5.92 -2.54 4.95
CA PRO B 80 6.62 -1.26 4.77
C PRO B 80 7.25 -0.79 6.07
N ILE B 81 8.57 -0.57 6.04
CA ILE B 81 9.31 -0.02 7.18
C ILE B 81 9.20 1.50 7.14
N LEU B 82 9.04 2.12 8.31
CA LEU B 82 8.90 3.56 8.40
C LEU B 82 10.13 4.27 8.93
N GLY B 83 10.87 3.66 9.84
CA GLY B 83 12.08 4.28 10.36
C GLY B 83 12.73 3.41 11.42
N ILE B 84 13.83 3.92 11.96
CA ILE B 84 14.54 3.25 13.04
C ILE B 84 14.42 4.10 14.30
N CYS B 85 14.48 3.41 15.45
CA CYS B 85 14.53 4.07 16.75
C CYS B 85 15.87 3.70 17.36
N ASN B 86 16.87 4.57 17.18
CA ASN B 86 18.25 4.30 17.60
C ASN B 86 18.64 5.30 18.68
N GLU B 87 18.60 4.86 19.93
CA GLU B 87 18.94 5.68 21.09
C GLU B 87 19.73 4.82 22.06
N PRO B 88 20.45 5.45 23.01
CA PRO B 88 21.21 4.65 23.98
C PRO B 88 20.35 3.70 24.80
N GLU B 89 19.09 4.05 25.06
CA GLU B 89 18.20 3.21 25.85
C GLU B 89 17.33 2.28 25.03
N PHE B 90 17.05 2.62 23.77
CA PHE B 90 16.11 1.87 22.96
C PHE B 90 16.69 1.63 21.57
N LEU B 91 16.41 0.44 21.01
CA LEU B 91 16.89 0.09 19.68
C LEU B 91 15.82 -0.79 19.04
N GLY B 92 15.14 -0.27 18.02
CA GLY B 92 14.04 -0.99 17.40
C GLY B 92 13.80 -0.58 15.97
N ILE B 93 12.83 -1.25 15.36
CA ILE B 93 12.46 -1.04 13.96
C ILE B 93 10.97 -0.70 13.92
N VAL B 94 10.62 0.36 13.18
CA VAL B 94 9.26 0.87 13.13
C VAL B 94 8.67 0.57 11.75
N THR B 95 7.51 -0.07 11.72
CA THR B 95 6.81 -0.41 10.49
C THR B 95 5.35 0.01 10.61
N GLU B 96 4.61 -0.16 9.52
CA GLU B 96 3.17 0.07 9.54
C GLU B 96 2.48 -1.01 10.38
N TYR B 97 1.31 -0.66 10.91
CA TYR B 97 0.54 -1.58 11.72
C TYR B 97 -0.49 -2.32 10.86
N MET B 98 -0.48 -3.65 10.93
CA MET B 98 -1.43 -4.46 10.19
C MET B 98 -2.63 -4.78 11.08
N PRO B 99 -3.82 -4.24 10.80
CA PRO B 99 -4.92 -4.36 11.76
C PRO B 99 -5.55 -5.73 11.83
N ASN B 100 -5.33 -6.61 10.85
CA ASN B 100 -6.03 -7.88 10.79
C ASN B 100 -5.16 -9.07 11.15
N GLY B 101 -3.96 -8.83 11.68
CA GLY B 101 -3.16 -9.93 12.22
C GLY B 101 -2.48 -10.76 11.15
N SER B 102 -2.32 -12.05 11.45
CA SER B 102 -1.61 -12.99 10.61
C SER B 102 -2.58 -13.96 9.94
N LEU B 103 -2.05 -14.74 9.01
CA LEU B 103 -2.88 -15.63 8.21
C LEU B 103 -3.38 -16.83 9.02
N ASN B 104 -2.57 -17.33 9.96
CA ASN B 104 -2.97 -18.50 10.72
C ASN B 104 -4.19 -18.22 11.59
N GLU B 105 -4.40 -16.96 11.98
CA GLU B 105 -5.60 -16.61 12.75
C GLU B 105 -6.85 -16.68 11.88
N LEU B 106 -6.75 -16.24 10.62
CA LEU B 106 -7.90 -16.30 9.72
C LEU B 106 -8.28 -17.74 9.40
N LEU B 107 -7.29 -18.62 9.25
CA LEU B 107 -7.55 -19.97 8.78
C LEU B 107 -8.08 -20.89 9.87
N HIS B 108 -7.76 -20.63 11.15
CA HIS B 108 -8.02 -21.60 12.19
C HIS B 108 -8.96 -21.13 13.30
N ARG B 109 -9.18 -19.83 13.45
CA ARG B 109 -10.15 -19.34 14.44
C ARG B 109 -11.54 -19.47 13.82
N LYS B 110 -12.08 -20.69 13.92
CA LYS B 110 -13.27 -21.06 13.15
C LYS B 110 -14.54 -20.39 13.70
N THR B 111 -14.58 -20.09 15.00
CA THR B 111 -15.78 -19.47 15.55
C THR B 111 -15.92 -18.02 15.08
N GLU B 112 -14.82 -17.28 15.03
CA GLU B 112 -14.87 -15.90 14.57
C GLU B 112 -14.98 -15.80 13.05
N TYR B 113 -14.38 -16.75 12.32
CA TYR B 113 -14.40 -16.77 10.86
C TYR B 113 -14.97 -18.11 10.38
N PRO B 114 -16.28 -18.33 10.55
CA PRO B 114 -16.86 -19.61 10.12
C PRO B 114 -16.74 -19.87 8.63
N ASP B 115 -16.77 -18.83 7.80
CA ASP B 115 -16.67 -18.98 6.35
C ASP B 115 -15.66 -17.98 5.82
N VAL B 116 -14.78 -18.47 4.94
CA VAL B 116 -13.83 -17.62 4.21
C VAL B 116 -14.02 -17.93 2.74
N ALA B 117 -14.56 -16.96 2.00
CA ALA B 117 -14.95 -17.21 0.61
C ALA B 117 -13.75 -17.52 -0.27
N TRP B 118 -13.97 -18.41 -1.25
CA TRP B 118 -12.89 -18.84 -2.13
C TRP B 118 -12.16 -17.69 -2.83
N PRO B 119 -12.84 -16.67 -3.39
CA PRO B 119 -12.09 -15.59 -4.05
C PRO B 119 -11.06 -14.93 -3.15
N LEU B 120 -11.40 -14.70 -1.88
CA LEU B 120 -10.43 -14.10 -0.96
C LEU B 120 -9.23 -15.02 -0.76
N ARG B 121 -9.46 -16.33 -0.64
CA ARG B 121 -8.36 -17.27 -0.43
C ARG B 121 -7.40 -17.27 -1.61
N PHE B 122 -7.94 -17.20 -2.84
CA PHE B 122 -7.08 -17.24 -4.01
C PHE B 122 -6.30 -15.94 -4.19
N ARG B 123 -6.88 -14.80 -3.79
CA ARG B 123 -6.12 -13.55 -3.86
C ARG B 123 -4.99 -13.54 -2.83
N ILE B 124 -5.22 -14.13 -1.67
CA ILE B 124 -4.17 -14.23 -0.66
C ILE B 124 -3.01 -15.07 -1.19
N LEU B 125 -3.33 -16.23 -1.78
CA LEU B 125 -2.29 -17.06 -2.36
C LEU B 125 -1.57 -16.35 -3.50
N HIS B 126 -2.30 -15.55 -4.28
CA HIS B 126 -1.68 -14.84 -5.40
C HIS B 126 -0.76 -13.74 -4.93
N GLU B 127 -1.16 -13.01 -3.87
CA GLU B 127 -0.34 -11.90 -3.40
C GLU B 127 0.90 -12.38 -2.65
N ILE B 128 0.80 -13.49 -1.92
CA ILE B 128 1.99 -14.09 -1.32
C ILE B 128 3.03 -14.39 -2.38
N ALA B 129 2.60 -15.01 -3.48
CA ALA B 129 3.53 -15.35 -4.55
C ALA B 129 4.11 -14.10 -5.19
N LEU B 130 3.30 -13.05 -5.34
CA LEU B 130 3.80 -11.79 -5.89
C LEU B 130 4.91 -11.21 -5.01
N GLY B 131 4.74 -11.30 -3.69
CA GLY B 131 5.75 -10.76 -2.79
C GLY B 131 7.05 -11.54 -2.81
N VAL B 132 6.97 -12.87 -2.72
CA VAL B 132 8.19 -13.68 -2.73
C VAL B 132 8.86 -13.64 -4.10
N ASN B 133 8.06 -13.51 -5.17
CA ASN B 133 8.65 -13.39 -6.50
C ASN B 133 9.49 -12.13 -6.60
N TYR B 134 9.02 -11.03 -6.00
CA TYR B 134 9.79 -9.79 -6.04
C TYR B 134 11.14 -9.95 -5.34
N LEU B 135 11.16 -10.64 -4.20
CA LEU B 135 12.41 -10.83 -3.47
C LEU B 135 13.41 -11.62 -4.30
N HIS B 136 12.96 -12.73 -4.91
CA HIS B 136 13.85 -13.54 -5.72
C HIS B 136 14.34 -12.83 -6.97
N ASN B 137 13.66 -11.77 -7.41
CA ASN B 137 14.10 -10.98 -8.55
C ASN B 137 15.00 -9.82 -8.17
N MET B 138 15.35 -9.68 -6.90
CA MET B 138 16.25 -8.61 -6.51
C MET B 138 17.68 -8.94 -6.92
N THR B 139 18.55 -7.94 -6.86
CA THR B 139 19.94 -8.07 -7.28
C THR B 139 20.86 -7.70 -6.13
N PRO B 140 21.46 -8.67 -5.44
CA PRO B 140 21.30 -10.12 -5.61
C PRO B 140 19.96 -10.63 -5.08
N PRO B 141 19.57 -11.84 -5.46
CA PRO B 141 18.30 -12.40 -4.98
C PRO B 141 18.23 -12.39 -3.46
N LEU B 142 17.02 -12.18 -2.95
CA LEU B 142 16.75 -12.13 -1.52
C LEU B 142 15.84 -13.29 -1.15
N LEU B 143 16.32 -14.17 -0.27
CA LEU B 143 15.58 -15.36 0.12
C LEU B 143 15.01 -15.17 1.53
N HIS B 144 13.78 -15.66 1.72
CA HIS B 144 13.11 -15.58 3.01
C HIS B 144 13.50 -16.73 3.93
N HIS B 145 13.22 -17.97 3.49
CA HIS B 145 13.62 -19.20 4.18
C HIS B 145 12.95 -19.37 5.54
N ASP B 146 11.88 -18.65 5.81
CA ASP B 146 11.10 -18.87 7.03
C ASP B 146 9.64 -18.51 6.80
N LEU B 147 9.11 -18.85 5.63
CA LEU B 147 7.71 -18.58 5.31
C LEU B 147 6.81 -19.44 6.17
N LYS B 148 5.75 -18.84 6.70
CA LYS B 148 4.80 -19.54 7.54
C LYS B 148 3.54 -18.70 7.64
N THR B 149 2.44 -19.35 8.04
CA THR B 149 1.18 -18.63 8.21
C THR B 149 1.29 -17.54 9.26
N GLN B 150 2.18 -17.71 10.24
CA GLN B 150 2.40 -16.68 11.24
C GLN B 150 3.17 -15.48 10.70
N ASN B 151 3.82 -15.61 9.54
CA ASN B 151 4.59 -14.54 8.95
C ASN B 151 3.85 -13.81 7.84
N ILE B 152 2.63 -14.20 7.53
CA ILE B 152 1.82 -13.55 6.50
C ILE B 152 0.83 -12.63 7.20
N LEU B 153 1.01 -11.32 7.06
CA LEU B 153 0.17 -10.34 7.72
C LEU B 153 -0.86 -9.78 6.75
N LEU B 154 -1.99 -9.34 7.31
CA LEU B 154 -3.12 -8.83 6.54
C LEU B 154 -3.42 -7.40 6.96
N ASP B 155 -3.64 -6.53 5.97
CA ASP B 155 -3.87 -5.11 6.24
C ASP B 155 -5.36 -4.87 6.44
N ASN B 156 -5.78 -3.60 6.38
CA ASN B 156 -7.16 -3.25 6.69
C ASN B 156 -8.14 -3.96 5.76
N GLU B 157 -7.83 -4.01 4.47
CA GLU B 157 -8.68 -4.69 3.49
C GLU B 157 -8.18 -6.10 3.16
N PHE B 158 -7.52 -6.76 4.12
CA PHE B 158 -7.11 -8.16 3.99
C PHE B 158 -6.20 -8.39 2.80
N HIS B 159 -5.25 -7.47 2.59
CA HIS B 159 -4.21 -7.64 1.59
C HIS B 159 -2.94 -8.15 2.27
N VAL B 160 -2.19 -8.99 1.56
CA VAL B 160 -1.07 -9.71 2.16
C VAL B 160 0.14 -8.79 2.26
N LYS B 161 0.79 -8.81 3.42
CA LYS B 161 2.09 -8.17 3.62
C LYS B 161 3.02 -9.21 4.23
N ILE B 162 4.08 -9.56 3.50
CA ILE B 162 5.03 -10.56 3.97
C ILE B 162 5.93 -9.93 5.02
N ALA B 163 6.16 -10.65 6.12
CA ALA B 163 6.95 -10.15 7.23
C ALA B 163 7.87 -11.27 7.73
N ASP B 164 8.63 -10.97 8.79
CA ASP B 164 9.52 -11.96 9.40
C ASP B 164 9.76 -11.54 10.85
N PHE B 165 9.21 -12.29 11.80
CA PHE B 165 9.38 -11.97 13.21
C PHE B 165 10.70 -12.47 13.79
N GLY B 166 11.57 -13.03 12.98
CA GLY B 166 12.82 -13.59 13.47
C GLY B 166 13.73 -12.52 14.08
N LEU B 167 14.76 -13.00 14.77
CA LEU B 167 15.72 -12.13 15.43
C LEU B 167 17.15 -12.55 15.12
N SER B 168 17.47 -13.81 15.40
CA SER B 168 18.81 -14.36 15.13
C SER B 168 18.83 -14.86 13.69
N LYS B 169 18.98 -13.90 12.77
CA LYS B 169 18.93 -14.21 11.34
C LYS B 169 19.79 -13.25 10.54
N TRP B 170 19.65 -11.95 10.79
CA TRP B 170 20.37 -10.91 10.05
C TRP B 170 21.67 -10.52 10.76
N ARG B 171 22.45 -11.52 11.16
CA ARG B 171 23.72 -11.28 11.83
C ARG B 171 24.75 -10.69 10.86
N GLY B 188 11.23 -22.71 16.36
CA GLY B 188 10.02 -22.59 15.57
C GLY B 188 9.59 -23.90 14.94
N THR B 189 8.43 -23.88 14.29
CA THR B 189 7.89 -25.07 13.65
C THR B 189 8.69 -25.41 12.41
N ILE B 190 8.66 -26.70 12.03
CA ILE B 190 9.42 -27.21 10.91
C ILE B 190 8.53 -27.73 9.79
N ILE B 191 7.21 -27.54 9.90
CA ILE B 191 6.30 -28.16 8.94
C ILE B 191 6.33 -27.48 7.57
N TYR B 192 6.75 -26.22 7.51
CA TYR B 192 6.90 -25.52 6.23
C TYR B 192 8.32 -25.61 5.69
N MET B 193 9.11 -26.55 6.17
CA MET B 193 10.54 -26.59 5.89
C MET B 193 10.87 -27.77 5.01
N PRO B 194 11.55 -27.56 3.88
CA PRO B 194 11.95 -28.68 3.03
C PRO B 194 12.94 -29.57 3.75
N PRO B 195 12.93 -30.88 3.43
CA PRO B 195 13.75 -31.81 4.23
C PRO B 195 15.24 -31.70 3.99
N GLU B 196 15.67 -31.21 2.82
CA GLU B 196 17.10 -31.05 2.59
C GLU B 196 17.71 -29.91 3.40
N ASN B 197 16.89 -29.10 4.05
CA ASN B 197 17.41 -28.08 4.96
C ASN B 197 17.44 -28.57 6.41
N TYR B 198 16.90 -29.77 6.69
CA TYR B 198 16.92 -30.31 8.04
C TYR B 198 18.32 -30.31 8.63
N GLU B 199 19.31 -30.63 7.81
CA GLU B 199 20.72 -30.54 8.20
C GLU B 199 21.29 -29.28 7.58
N PRO B 200 21.16 -28.12 8.23
CA PRO B 200 21.52 -26.84 7.58
C PRO B 200 23.00 -26.78 7.26
N GLY B 201 23.30 -26.58 5.98
CA GLY B 201 24.64 -26.34 5.51
C GLY B 201 24.73 -25.02 4.75
N GLN B 202 25.95 -24.69 4.35
CA GLN B 202 26.15 -23.50 3.52
C GLN B 202 25.39 -23.62 2.21
N LYS B 203 25.28 -24.83 1.65
CA LYS B 203 24.61 -25.02 0.38
C LYS B 203 23.09 -24.82 0.52
N SER B 204 22.51 -25.30 1.62
CA SER B 204 21.08 -25.17 1.81
C SER B 204 20.68 -23.73 2.09
N ARG B 205 21.57 -22.94 2.70
CA ARG B 205 21.25 -21.56 3.02
C ARG B 205 21.15 -20.70 1.76
N ALA B 206 21.84 -21.09 0.68
CA ALA B 206 21.78 -20.37 -0.57
C ALA B 206 20.86 -21.04 -1.59
N SER B 207 20.03 -21.98 -1.15
CA SER B 207 19.16 -22.72 -2.05
C SER B 207 17.97 -21.86 -2.46
N ILE B 208 17.81 -21.63 -3.77
CA ILE B 208 16.70 -20.81 -4.26
C ILE B 208 15.40 -21.58 -4.35
N LYS B 209 15.42 -22.89 -4.11
CA LYS B 209 14.22 -23.71 -4.17
C LYS B 209 13.61 -23.95 -2.80
N HIS B 210 14.05 -23.22 -1.78
CA HIS B 210 13.55 -23.41 -0.42
C HIS B 210 12.14 -22.84 -0.27
N ASP B 211 11.95 -21.59 -0.68
CA ASP B 211 10.70 -20.88 -0.40
C ASP B 211 9.50 -21.51 -1.11
N ILE B 212 9.71 -22.10 -2.29
CA ILE B 212 8.59 -22.70 -3.02
C ILE B 212 8.02 -23.90 -2.25
N TYR B 213 8.84 -24.56 -1.44
CA TYR B 213 8.34 -25.68 -0.65
C TYR B 213 7.39 -25.19 0.43
N SER B 214 7.76 -24.13 1.15
CA SER B 214 6.88 -23.56 2.16
C SER B 214 5.57 -23.09 1.54
N TYR B 215 5.63 -22.52 0.33
CA TYR B 215 4.43 -22.00 -0.32
C TYR B 215 3.46 -23.13 -0.66
N ALA B 216 3.99 -24.27 -1.13
CA ALA B 216 3.13 -25.42 -1.40
C ALA B 216 2.47 -25.96 -0.14
N VAL B 217 3.16 -25.90 1.00
CA VAL B 217 2.53 -26.30 2.26
C VAL B 217 1.48 -25.27 2.68
N ILE B 218 1.77 -23.99 2.47
CA ILE B 218 0.81 -22.94 2.82
C ILE B 218 -0.43 -23.05 1.94
N THR B 219 -0.24 -23.28 0.63
CA THR B 219 -1.38 -23.43 -0.26
C THR B 219 -2.26 -24.60 0.16
N TRP B 220 -1.67 -25.68 0.65
CA TRP B 220 -2.45 -26.81 1.17
C TRP B 220 -3.27 -26.39 2.38
N GLU B 221 -2.65 -25.66 3.32
CA GLU B 221 -3.35 -25.27 4.54
C GLU B 221 -4.45 -24.26 4.27
N VAL B 222 -4.29 -23.42 3.24
CA VAL B 222 -5.30 -22.42 2.93
C VAL B 222 -6.56 -23.07 2.37
N LEU B 223 -6.38 -24.00 1.43
CA LEU B 223 -7.53 -24.64 0.79
C LEU B 223 -8.25 -25.62 1.71
N SER B 224 -7.57 -26.15 2.73
CA SER B 224 -8.14 -27.16 3.60
C SER B 224 -8.51 -26.65 4.99
N ARG B 225 -7.94 -25.54 5.43
CA ARG B 225 -8.15 -25.00 6.78
C ARG B 225 -7.88 -26.04 7.85
N LYS B 226 -6.87 -26.89 7.60
CA LYS B 226 -6.42 -27.89 8.55
C LYS B 226 -4.95 -27.67 8.84
N GLN B 227 -4.55 -27.90 10.08
CA GLN B 227 -3.14 -27.77 10.45
C GLN B 227 -2.36 -28.99 9.98
N PRO B 228 -1.30 -28.81 9.20
CA PRO B 228 -0.55 -29.98 8.70
C PRO B 228 0.10 -30.75 9.84
N PHE B 229 -0.04 -32.07 9.77
CA PHE B 229 0.61 -33.00 10.70
C PHE B 229 0.10 -32.81 12.14
N GLU B 230 -1.15 -32.39 12.30
CA GLU B 230 -1.67 -32.21 13.66
C GLU B 230 -1.79 -33.53 14.41
N ASP B 231 -2.05 -34.62 13.69
CA ASP B 231 -2.15 -35.94 14.31
C ASP B 231 -0.81 -36.48 14.78
N VAL B 232 0.30 -35.84 14.41
CA VAL B 232 1.63 -36.25 14.86
C VAL B 232 2.08 -35.24 15.91
N THR B 233 2.22 -35.71 17.16
CA THR B 233 2.54 -34.79 18.24
C THR B 233 4.04 -34.55 18.38
N ASN B 234 4.88 -35.49 17.97
CA ASN B 234 6.33 -35.34 18.11
C ASN B 234 6.91 -34.76 16.83
N PRO B 235 7.47 -33.55 16.87
CA PRO B 235 7.97 -32.94 15.62
C PRO B 235 9.15 -33.68 15.01
N LEU B 236 9.91 -34.40 15.82
CA LEU B 236 11.01 -35.20 15.27
C LEU B 236 10.49 -36.32 14.39
N GLN B 237 9.33 -36.91 14.75
CA GLN B 237 8.71 -37.91 13.90
C GLN B 237 8.21 -37.31 12.59
N ILE B 238 7.75 -36.05 12.62
CA ILE B 238 7.36 -35.38 11.39
C ILE B 238 8.56 -35.24 10.46
N MET B 239 9.72 -34.84 11.01
CA MET B 239 10.91 -34.69 10.18
C MET B 239 11.35 -36.03 9.58
N TYR B 240 11.11 -37.14 10.29
CA TYR B 240 11.45 -38.44 9.75
C TYR B 240 10.54 -38.80 8.58
N SER B 241 9.22 -38.65 8.76
CA SER B 241 8.28 -38.99 7.70
C SER B 241 8.51 -38.14 6.45
N VAL B 242 8.80 -36.85 6.63
CA VAL B 242 9.05 -35.97 5.48
C VAL B 242 10.31 -36.41 4.75
N SER B 243 11.35 -36.82 5.48
CA SER B 243 12.57 -37.29 4.84
C SER B 243 12.30 -38.54 4.00
N GLN B 244 11.36 -39.38 4.42
CA GLN B 244 11.01 -40.56 3.62
C GLN B 244 10.27 -40.20 2.34
N GLY B 245 9.69 -39.01 2.26
CA GLY B 245 8.92 -38.59 1.11
C GLY B 245 7.45 -38.36 1.38
N HIS B 246 7.03 -38.41 2.64
CA HIS B 246 5.62 -38.23 2.97
C HIS B 246 5.27 -36.76 3.08
N ARG B 247 4.03 -36.44 2.74
CA ARG B 247 3.50 -35.09 2.71
C ARG B 247 2.10 -35.13 3.32
N PRO B 248 1.53 -33.96 3.61
CA PRO B 248 0.13 -33.92 4.06
C PRO B 248 -0.80 -34.61 3.06
N VAL B 249 -1.89 -35.16 3.60
CA VAL B 249 -2.76 -36.04 2.82
C VAL B 249 -3.58 -35.23 1.83
N ILE B 250 -3.72 -35.76 0.62
CA ILE B 250 -4.53 -35.15 -0.43
C ILE B 250 -5.64 -36.13 -0.76
N ASN B 251 -6.85 -35.83 -0.27
CA ASN B 251 -8.03 -36.63 -0.57
C ASN B 251 -9.26 -35.73 -0.45
N GLU B 252 -10.44 -36.35 -0.48
CA GLU B 252 -11.68 -35.57 -0.46
C GLU B 252 -11.91 -34.93 0.90
N GLU B 253 -11.51 -35.61 1.98
CA GLU B 253 -11.76 -35.08 3.32
C GLU B 253 -10.92 -33.83 3.58
N SER B 254 -9.65 -33.84 3.15
CA SER B 254 -8.81 -32.67 3.34
C SER B 254 -9.13 -31.58 2.33
N LEU B 255 -9.19 -31.95 1.04
CA LEU B 255 -9.50 -30.99 -0.02
C LEU B 255 -10.76 -31.42 -0.75
N PRO B 256 -11.92 -30.84 -0.41
CA PRO B 256 -13.19 -31.32 -0.96
C PRO B 256 -13.30 -31.09 -2.46
N TYR B 257 -14.27 -31.77 -3.06
CA TYR B 257 -14.45 -31.75 -4.51
C TYR B 257 -14.97 -30.42 -5.03
N ASP B 258 -15.51 -29.57 -4.15
CA ASP B 258 -16.11 -28.31 -4.58
C ASP B 258 -15.10 -27.16 -4.63
N ILE B 259 -13.81 -27.45 -4.54
CA ILE B 259 -12.79 -26.39 -4.59
C ILE B 259 -12.61 -25.95 -6.04
N PRO B 260 -12.68 -24.64 -6.33
CA PRO B 260 -12.43 -24.19 -7.70
C PRO B 260 -10.99 -24.50 -8.13
N HIS B 261 -10.86 -24.90 -9.39
CA HIS B 261 -9.55 -25.22 -9.99
C HIS B 261 -8.83 -26.30 -9.19
N ARG B 262 -9.61 -27.25 -8.66
CA ARG B 262 -9.07 -28.24 -7.73
C ARG B 262 -7.92 -29.03 -8.37
N ALA B 263 -8.14 -29.60 -9.55
CA ALA B 263 -7.09 -30.39 -10.19
C ALA B 263 -5.88 -29.54 -10.52
N ARG B 264 -6.11 -28.28 -10.90
CA ARG B 264 -4.99 -27.37 -11.15
C ARG B 264 -4.20 -27.11 -9.87
N MET B 265 -4.89 -26.97 -8.74
CA MET B 265 -4.20 -26.65 -7.49
C MET B 265 -3.47 -27.87 -6.92
N ILE B 266 -4.00 -29.08 -7.14
CA ILE B 266 -3.29 -30.28 -6.71
C ILE B 266 -1.95 -30.39 -7.41
N SER B 267 -1.96 -30.22 -8.74
CA SER B 267 -0.72 -30.30 -9.51
C SER B 267 0.29 -29.26 -9.07
N LEU B 268 -0.18 -28.10 -8.58
CA LEU B 268 0.74 -27.08 -8.11
C LEU B 268 1.37 -27.46 -6.78
N ILE B 269 0.56 -27.96 -5.85
CA ILE B 269 1.07 -28.31 -4.53
C ILE B 269 2.04 -29.47 -4.62
N GLU B 270 1.73 -30.48 -5.44
CA GLU B 270 2.58 -31.68 -5.51
C GLU B 270 3.93 -31.37 -6.14
N SER B 271 3.96 -30.53 -7.18
CA SER B 271 5.24 -30.10 -7.73
C SER B 271 5.94 -29.12 -6.82
N GLY B 272 5.18 -28.35 -6.04
CA GLY B 272 5.78 -27.36 -5.15
C GLY B 272 6.57 -27.99 -4.01
N TRP B 273 6.08 -29.10 -3.46
CA TRP B 273 6.74 -29.76 -2.34
C TRP B 273 7.42 -31.06 -2.76
N ALA B 274 7.89 -31.13 -4.01
CA ALA B 274 8.52 -32.35 -4.49
C ALA B 274 9.80 -32.65 -3.71
N GLN B 275 10.12 -33.93 -3.60
CA GLN B 275 11.31 -34.35 -2.87
C GLN B 275 12.58 -33.79 -3.53
N ASN B 276 12.63 -33.83 -4.86
CA ASN B 276 13.78 -33.30 -5.58
C ASN B 276 13.62 -31.79 -5.76
N PRO B 277 14.55 -30.97 -5.28
CA PRO B 277 14.40 -29.52 -5.46
C PRO B 277 14.39 -29.09 -6.91
N ASP B 278 15.09 -29.82 -7.79
CA ASP B 278 15.17 -29.45 -9.19
C ASP B 278 13.85 -29.66 -9.95
N GLU B 279 12.87 -30.30 -9.34
CA GLU B 279 11.55 -30.46 -9.96
C GLU B 279 10.54 -29.43 -9.48
N ARG B 280 10.94 -28.55 -8.56
CA ARG B 280 10.02 -27.54 -8.05
C ARG B 280 10.04 -26.32 -8.98
N PRO B 281 8.88 -25.70 -9.21
CA PRO B 281 8.83 -24.54 -10.09
C PRO B 281 9.33 -23.28 -9.40
N SER B 282 9.74 -22.32 -10.23
CA SER B 282 10.03 -20.98 -9.72
C SER B 282 8.71 -20.27 -9.44
N PHE B 283 8.79 -19.23 -8.60
CA PHE B 283 7.58 -18.47 -8.29
C PHE B 283 7.00 -17.80 -9.52
N LEU B 284 7.85 -17.37 -10.47
CA LEU B 284 7.36 -16.78 -11.71
C LEU B 284 6.49 -17.78 -12.48
N LYS B 285 6.94 -19.04 -12.58
CA LYS B 285 6.13 -20.05 -13.25
C LYS B 285 4.79 -20.23 -12.55
N CYS B 286 4.79 -20.19 -11.21
CA CYS B 286 3.53 -20.29 -10.47
C CYS B 286 2.60 -19.12 -10.77
N LEU B 287 3.16 -17.91 -10.88
CA LEU B 287 2.34 -16.75 -11.19
C LEU B 287 1.66 -16.87 -12.55
N ILE B 288 2.45 -17.21 -13.58
CA ILE B 288 1.89 -17.45 -14.90
C ILE B 288 0.80 -18.52 -14.85
N GLU B 289 0.94 -19.51 -13.97
CA GLU B 289 -0.08 -20.53 -13.81
C GLU B 289 -1.28 -20.03 -13.03
N LEU B 290 -1.07 -19.08 -12.11
CA LEU B 290 -2.15 -18.58 -11.25
C LEU B 290 -2.95 -17.46 -11.87
N GLU B 291 -2.39 -16.71 -12.82
CA GLU B 291 -3.10 -15.59 -13.41
C GLU B 291 -4.42 -15.99 -14.07
N PRO B 292 -4.49 -17.03 -14.91
CA PRO B 292 -5.81 -17.44 -15.43
C PRO B 292 -6.74 -18.01 -14.38
N VAL B 293 -6.22 -18.39 -13.20
CA VAL B 293 -7.10 -18.87 -12.14
C VAL B 293 -7.90 -17.73 -11.54
N LEU B 294 -7.22 -16.61 -11.26
CA LEU B 294 -7.90 -15.47 -10.66
C LEU B 294 -8.77 -14.71 -11.64
N ARG B 295 -8.57 -14.90 -12.94
CA ARG B 295 -9.46 -14.28 -13.92
C ARG B 295 -10.86 -14.88 -13.90
N THR B 296 -11.06 -16.00 -13.19
CA THR B 296 -12.41 -16.56 -13.05
C THR B 296 -13.20 -15.89 -11.92
N PHE B 297 -12.58 -14.98 -11.17
CA PHE B 297 -13.24 -14.26 -10.10
C PHE B 297 -13.34 -12.78 -10.48
N GLU B 298 -14.56 -12.25 -10.51
CA GLU B 298 -14.76 -10.84 -10.80
C GLU B 298 -14.21 -9.98 -9.67
N GLU B 299 -13.85 -8.75 -10.02
CA GLU B 299 -13.18 -7.85 -9.06
C GLU B 299 -14.06 -7.58 -7.85
N ILE B 300 -15.36 -7.35 -8.07
CA ILE B 300 -16.23 -6.98 -6.96
C ILE B 300 -16.45 -8.14 -6.01
N THR B 301 -16.24 -9.38 -6.44
CA THR B 301 -16.45 -10.52 -5.55
C THR B 301 -15.43 -10.57 -4.41
N PHE B 302 -14.26 -9.95 -4.59
CA PHE B 302 -13.29 -9.89 -3.51
C PHE B 302 -13.81 -9.02 -2.37
N LEU B 303 -14.31 -7.82 -2.69
CA LEU B 303 -14.86 -6.94 -1.66
C LEU B 303 -16.11 -7.52 -1.03
N GLU B 304 -16.88 -8.30 -1.80
CA GLU B 304 -18.04 -8.98 -1.22
C GLU B 304 -17.61 -9.98 -0.16
N ALA B 305 -16.49 -10.66 -0.39
CA ALA B 305 -16.01 -11.65 0.57
C ALA B 305 -15.49 -11.00 1.85
N VAL B 306 -14.98 -9.77 1.75
CA VAL B 306 -14.40 -9.13 2.92
C VAL B 306 -15.49 -8.55 3.83
N ILE B 307 -16.54 -7.97 3.24
CA ILE B 307 -17.60 -7.38 4.05
C ILE B 307 -18.32 -8.46 4.86
N GLN B 308 -18.63 -9.59 4.24
CA GLN B 308 -19.27 -10.68 4.95
C GLN B 308 -18.35 -11.26 6.01
N LEU B 309 -17.03 -11.29 5.76
CA LEU B 309 -16.09 -11.77 6.76
C LEU B 309 -16.10 -10.88 7.99
N LYS B 310 -16.24 -9.56 7.80
CA LYS B 310 -16.33 -8.63 8.91
C LYS B 310 -17.71 -8.61 9.56
N LYS B 311 -18.76 -9.02 8.85
CA LYS B 311 -20.09 -9.05 9.43
C LYS B 311 -20.25 -10.21 10.40
N THR B 312 -19.78 -11.40 10.03
CA THR B 312 -19.88 -12.55 10.94
C THR B 312 -19.00 -12.36 12.16
N LYS B 313 -17.84 -11.73 12.00
CA LYS B 313 -16.95 -11.50 13.14
C LYS B 313 -17.62 -10.58 14.16
N LEU B 314 -18.52 -9.70 13.71
CA LEU B 314 -19.20 -8.77 14.60
C LEU B 314 -20.17 -9.44 15.56
N GLN B 315 -20.34 -10.76 15.50
CA GLN B 315 -21.26 -11.46 16.37
C GLN B 315 -20.81 -12.91 16.62
#